data_8ONS
#
_entry.id   8ONS
#
_cell.length_a   1.00
_cell.length_b   1.00
_cell.length_c   1.00
_cell.angle_alpha   90.00
_cell.angle_beta   90.00
_cell.angle_gamma   90.00
#
_symmetry.space_group_name_H-M   'P 1'
#
loop_
_entity.id
_entity.type
_entity.pdbx_description
1 polymer 'TATA-binding protein-associated factor 2N'
2 water water
#
_entity_poly.entity_id   1
_entity_poly.type   'polypeptide(L)'
_entity_poly.pdbx_seq_one_letter_code
;MSDSGSYGQSGGEQQSYSTYGNPGSQGYGQASQSYSGYGQTTDSSYGQNYSGYSSYGQSQSGYSQSYGGYENQKQSSYSQ
QPYNNQGQQQNMESSGSQGGRAPSYDQPDYGQQDSYDQQSGYDQHQGSYDEQSNYDQQHDSYSQNQQSYHSQRENYSHHT
QDDRRDVSRYGEDNRGYGGSQGGGRGRGGYDKDGRGPMTGSSGGDRGGFKNFGGHRDYGPRTDADSESDNSDNNTIFVQG
LGEGVSTDQVGEFFKQIGIIKTNKKTGKPMINLYTDKDTGKPKGEATVSFDDPPSAKAAIDWFDGKEFHGNIIKVSFATR
RPEFMRGGGSGGGRRGRGGYRGRGGFQGRGGDPKSGDWVCPNPSCGNMNFARRNSCNQCNEPRPEDSRPSGGDFRGRGYG
GERGYRGRGGRGGDRGGYGGDRSGGGYGGDRSSGGGYSGDRSGGGYGGDRSGGGYGGDRGGGYGGDRGGGYGGDRGGGYG
GDRGGYGGDRGGGYGGDRGGYGGDRGGYGGDRGGYGGDRGGYGGDRSRGGYGGDRGGGSGYGGDRSGGYGGDRSGGGYGG
DRGGGYGGDRGGYGGKMGGRNDYRNDQRNRPY
;
_entity_poly.pdbx_strand_id   A,C,E,G,I
#
# COMPACT_ATOMS: atom_id res chain seq x y z
N TYR A 7 -13.25 -27.46 1.73
CA TYR A 7 -12.47 -27.05 2.93
C TYR A 7 -11.03 -26.71 2.53
N GLY A 8 -10.25 -26.22 3.50
CA GLY A 8 -8.85 -25.88 3.28
C GLY A 8 -8.10 -25.77 4.60
N GLN A 9 -6.90 -26.38 4.65
CA GLN A 9 -6.07 -26.34 5.84
C GLN A 9 -4.69 -25.78 5.47
N SER A 10 -4.27 -24.73 6.18
CA SER A 10 -2.98 -24.10 5.95
C SER A 10 -2.24 -23.92 7.28
N GLY A 11 -0.92 -23.83 7.20
CA GLY A 11 -0.09 -23.61 8.38
C GLY A 11 -0.09 -22.14 8.81
N GLY A 12 0.97 -21.74 9.50
CA GLY A 12 1.18 -20.34 9.84
C GLY A 12 1.49 -19.50 8.61
N GLU A 13 1.32 -18.18 8.75
CA GLU A 13 1.56 -17.26 7.65
C GLU A 13 2.29 -16.02 8.18
N GLN A 14 3.40 -15.67 7.52
CA GLN A 14 4.13 -14.44 7.79
C GLN A 14 4.12 -13.59 6.53
N GLN A 15 3.71 -12.32 6.68
CA GLN A 15 3.75 -11.35 5.59
C GLN A 15 4.49 -10.11 6.05
N SER A 16 5.41 -9.63 5.22
CA SER A 16 6.21 -8.47 5.55
C SER A 16 6.27 -7.54 4.35
N TYR A 17 6.01 -6.25 4.58
CA TYR A 17 6.01 -5.26 3.54
C TYR A 17 6.87 -4.09 3.96
N SER A 18 7.80 -3.66 3.09
CA SER A 18 8.57 -2.47 3.36
C SER A 18 8.62 -1.61 2.11
N THR A 19 8.44 -0.29 2.33
CA THR A 19 8.48 0.69 1.26
C THR A 19 9.47 1.78 1.67
N TYR A 20 10.48 1.98 0.84
CA TYR A 20 11.42 3.08 0.99
C TYR A 20 11.17 4.10 -0.11
N GLY A 21 10.30 5.06 0.19
CA GLY A 21 9.88 6.06 -0.77
C GLY A 21 8.54 6.65 -0.37
N ASN A 22 8.07 7.62 -1.17
CA ASN A 22 6.90 8.40 -0.83
C ASN A 22 5.69 7.87 -1.60
N PRO A 23 4.79 7.07 -0.96
CA PRO A 23 3.58 6.60 -1.63
C PRO A 23 2.52 7.69 -1.69
N GLY A 24 1.87 7.86 -2.86
CA GLY A 24 0.84 8.87 -3.00
C GLY A 24 -0.37 8.62 -2.11
N SER A 25 -0.68 7.34 -1.88
CA SER A 25 -1.76 6.94 -0.99
C SER A 25 -1.55 5.47 -0.62
N GLN A 26 -2.00 5.09 0.57
CA GLN A 26 -1.90 3.72 1.03
C GLN A 26 -3.24 3.32 1.64
N GLY A 27 -3.75 2.15 1.23
CA GLY A 27 -4.87 1.54 1.90
C GLY A 27 -4.45 0.22 2.53
N TYR A 28 -4.74 0.04 3.81
CA TYR A 28 -4.35 -1.18 4.51
C TYR A 28 -5.58 -1.98 4.96
N GLY A 29 -6.69 -1.30 5.25
CA GLY A 29 -7.83 -1.96 5.87
C GLY A 29 -8.91 -2.36 4.85
N GLN A 30 -10.13 -2.54 5.35
CA GLN A 30 -11.23 -3.08 4.57
C GLN A 30 -12.15 -1.93 4.13
N ALA A 31 -12.44 -1.88 2.82
CA ALA A 31 -13.42 -0.95 2.30
C ALA A 31 -14.53 -1.74 1.64
N SER A 32 -15.78 -1.48 2.02
CA SER A 32 -16.92 -2.15 1.44
C SER A 32 -17.96 -1.13 0.99
N GLN A 33 -18.48 -1.33 -0.22
CA GLN A 33 -19.53 -0.51 -0.78
C GLN A 33 -20.60 -1.44 -1.31
N SER A 34 -21.82 -1.31 -0.79
CA SER A 34 -22.88 -2.25 -1.12
C SER A 34 -24.15 -1.50 -1.48
N TYR A 35 -24.85 -2.01 -2.49
CA TYR A 35 -26.15 -1.51 -2.87
C TYR A 35 -27.11 -2.70 -2.88
N SER A 36 -27.93 -2.80 -1.84
CA SER A 36 -28.89 -3.89 -1.71
C SER A 36 -30.31 -3.36 -1.83
N GLY A 37 -30.45 -2.03 -2.02
CA GLY A 37 -31.75 -1.38 -2.05
C GLY A 37 -32.34 -1.38 -3.45
N TYR A 38 -33.27 -0.45 -3.70
CA TYR A 38 -33.93 -0.37 -4.99
C TYR A 38 -34.42 1.05 -5.23
N GLY A 39 -33.55 2.03 -4.93
CA GLY A 39 -33.83 3.43 -5.19
C GLY A 39 -33.44 3.82 -6.61
N GLN A 40 -33.64 5.11 -6.94
CA GLN A 40 -33.26 5.67 -8.22
C GLN A 40 -32.09 6.63 -8.03
N THR A 41 -31.03 6.43 -8.82
CA THR A 41 -29.93 7.37 -8.95
C THR A 41 -30.01 7.96 -10.36
N THR A 42 -30.29 9.26 -10.44
CA THR A 42 -30.55 9.91 -11.72
C THR A 42 -29.73 11.19 -11.84
N ASP A 43 -28.92 11.29 -12.89
CA ASP A 43 -28.05 12.44 -13.14
C ASP A 43 -27.16 12.70 -11.93
N SER A 44 -26.74 11.63 -11.25
CA SER A 44 -26.08 11.76 -9.96
C SER A 44 -24.76 10.99 -9.98
N SER A 45 -23.96 11.18 -8.94
CA SER A 45 -22.81 10.33 -8.71
C SER A 45 -22.55 10.20 -7.22
N TYR A 46 -22.04 9.03 -6.80
CA TYR A 46 -21.67 8.86 -5.40
C TYR A 46 -20.41 8.00 -5.33
N GLY A 47 -19.72 8.07 -4.19
CA GLY A 47 -18.40 7.50 -4.11
C GLY A 47 -18.01 7.09 -2.70
N GLN A 48 -17.11 6.12 -2.65
CA GLN A 48 -16.38 5.83 -1.44
C GLN A 48 -14.91 6.05 -1.77
N ASN A 49 -14.24 6.93 -1.02
CA ASN A 49 -12.82 7.18 -1.19
C ASN A 49 -12.11 6.70 0.06
N TYR A 50 -11.40 5.58 -0.06
CA TYR A 50 -10.77 4.98 1.10
C TYR A 50 -9.46 5.71 1.39
N SER A 51 -8.66 5.91 0.33
CA SER A 51 -7.49 6.76 0.36
C SER A 51 -7.30 7.34 -1.04
N GLY A 52 -6.33 8.22 -1.22
CA GLY A 52 -6.12 8.81 -2.53
C GLY A 52 -7.20 9.84 -2.88
N TYR A 53 -7.53 9.94 -4.18
CA TYR A 53 -8.23 11.09 -4.72
C TYR A 53 -9.42 10.65 -5.56
N SER A 54 -10.62 11.15 -5.21
CA SER A 54 -11.84 10.92 -5.99
C SER A 54 -12.46 12.26 -6.36
N SER A 55 -12.78 12.44 -7.65
CA SER A 55 -13.47 13.61 -8.11
C SER A 55 -14.70 13.17 -8.90
N TYR A 56 -15.88 13.67 -8.50
CA TYR A 56 -17.13 13.37 -9.16
C TYR A 56 -18.08 14.54 -8.94
N GLY A 57 -19.39 14.31 -9.01
CA GLY A 57 -20.35 15.40 -9.04
C GLY A 57 -20.06 16.36 -10.19
N GLN A 58 -20.18 17.66 -9.93
CA GLN A 58 -19.76 18.68 -10.88
C GLN A 58 -18.57 19.45 -10.33
N SER A 59 -17.67 18.75 -9.62
CA SER A 59 -16.57 19.40 -8.93
C SER A 59 -15.50 19.87 -9.91
N GLN A 60 -14.75 20.90 -9.50
CA GLN A 60 -13.55 21.32 -10.19
C GLN A 60 -12.43 21.36 -9.16
N SER A 61 -11.45 20.47 -9.31
CA SER A 61 -10.46 20.31 -8.26
C SER A 61 -9.10 19.96 -8.84
N GLY A 62 -8.09 20.04 -7.98
CA GLY A 62 -6.74 19.64 -8.34
C GLY A 62 -5.98 19.18 -7.11
N TYR A 63 -5.10 18.20 -7.30
CA TYR A 63 -4.30 17.65 -6.24
C TYR A 63 -2.84 17.66 -6.72
N SER A 64 -1.95 18.34 -6.00
CA SER A 64 -0.53 18.28 -6.30
C SER A 64 0.24 17.73 -5.11
N GLN A 65 1.15 16.79 -5.39
CA GLN A 65 2.11 16.30 -4.42
C GLN A 65 3.50 16.53 -5.01
N SER A 66 4.36 17.25 -4.28
CA SER A 66 5.72 17.51 -4.75
C SER A 66 6.73 17.15 -3.67
N TYR A 67 7.78 16.42 -4.06
CA TYR A 67 8.77 15.93 -3.12
C TYR A 67 10.17 16.32 -3.61
N GLY A 68 11.08 16.52 -2.65
CA GLY A 68 12.49 16.66 -2.94
C GLY A 68 13.13 15.30 -3.22
N GLY A 69 14.43 15.19 -2.98
CA GLY A 69 15.13 13.96 -3.24
C GLY A 69 14.89 12.91 -2.15
N TYR A 70 15.35 11.69 -2.42
CA TYR A 70 15.31 10.61 -1.46
C TYR A 70 16.69 9.97 -1.41
N GLU A 71 17.23 9.80 -0.20
CA GLU A 71 18.52 9.14 -0.01
C GLU A 71 18.38 8.05 1.04
N ASN A 72 18.91 6.86 0.73
CA ASN A 72 18.86 5.74 1.64
C ASN A 72 20.21 5.01 1.61
N GLN A 73 20.83 4.85 2.79
CA GLN A 73 22.15 4.24 2.93
C GLN A 73 23.12 4.94 1.99
N LYS A 74 23.45 6.18 2.35
CA LYS A 74 24.22 7.08 1.52
C LYS A 74 25.36 7.66 2.34
N GLN A 75 26.56 7.71 1.76
CA GLN A 75 27.68 8.43 2.36
C GLN A 75 28.09 9.56 1.42
N SER A 76 28.21 10.77 1.97
CA SER A 76 28.80 11.88 1.24
C SER A 76 30.31 11.65 1.13
N SER A 77 31.02 12.64 0.59
CA SER A 77 32.41 12.45 0.18
C SER A 77 33.30 12.04 1.35
N TYR A 78 34.37 11.31 1.02
CA TYR A 78 35.44 10.95 1.95
C TYR A 78 34.93 10.00 3.02
N SER A 79 34.40 8.85 2.57
CA SER A 79 33.97 7.80 3.48
C SER A 79 35.03 6.69 3.49
N GLN A 80 35.28 6.13 4.68
CA GLN A 80 36.28 5.09 4.85
C GLN A 80 35.59 3.78 5.23
N GLN A 81 35.62 2.82 4.29
CA GLN A 81 35.08 1.49 4.48
C GLN A 81 33.67 1.55 5.07
N PRO A 82 32.71 2.24 4.42
CA PRO A 82 31.31 2.12 4.82
C PRO A 82 30.78 0.74 4.52
N TYR A 83 29.86 0.27 5.38
CA TYR A 83 29.19 -1.00 5.20
C TYR A 83 27.69 -0.74 5.12
N ASN A 84 27.11 -1.04 3.96
CA ASN A 84 25.68 -0.85 3.71
C ASN A 84 25.05 -2.20 3.42
N ASN A 85 24.06 -2.59 4.22
CA ASN A 85 23.41 -3.88 4.05
C ASN A 85 21.91 -3.69 4.04
N GLN A 86 21.24 -4.32 3.08
CA GLN A 86 19.80 -4.38 3.05
C GLN A 86 19.40 -5.70 2.43
N GLY A 87 18.10 -6.03 2.52
CA GLY A 87 17.58 -7.19 1.83
C GLY A 87 16.52 -7.94 2.62
N GLN A 88 16.14 -9.08 2.05
CA GLN A 88 15.08 -9.92 2.55
C GLN A 88 15.65 -11.32 2.79
N GLN A 89 15.33 -11.90 3.95
CA GLN A 89 15.76 -13.25 4.26
C GLN A 89 14.57 -14.03 4.81
N GLN A 90 14.28 -15.19 4.19
CA GLN A 90 13.21 -16.06 4.65
C GLN A 90 13.84 -17.39 5.07
N ASN A 91 13.49 -17.86 6.27
CA ASN A 91 13.95 -19.13 6.81
C ASN A 91 12.74 -19.93 7.24
N MET A 92 12.61 -21.14 6.69
CA MET A 92 11.51 -22.01 7.05
C MET A 92 12.06 -23.41 7.33
N GLU A 93 11.60 -23.99 8.44
CA GLU A 93 11.96 -25.35 8.85
C GLU A 93 10.70 -26.09 9.27
N SER A 94 10.61 -27.37 8.89
CA SER A 94 9.62 -28.29 9.44
C SER A 94 8.22 -27.69 9.41
N SER A 95 7.85 -27.07 8.29
CA SER A 95 6.57 -26.39 8.17
C SER A 95 5.90 -26.78 6.86
N GLY A 96 6.05 -28.05 6.48
CA GLY A 96 5.36 -28.62 5.34
C GLY A 96 3.98 -29.15 5.75
N SER A 97 3.44 -30.06 4.93
CA SER A 97 2.14 -30.66 5.20
C SER A 97 2.32 -32.15 5.47
N GLN A 98 1.37 -32.72 6.23
CA GLN A 98 1.41 -34.11 6.63
C GLN A 98 -0.03 -34.63 6.70
N GLY A 99 -0.29 -35.74 6.01
CA GLY A 99 -1.63 -36.33 5.96
C GLY A 99 -1.98 -37.03 7.25
N TYR B 7 -8.57 -33.01 -4.73
CA TYR B 7 -7.77 -32.52 -3.56
C TYR B 7 -6.38 -32.11 -4.03
N GLY B 8 -5.59 -31.55 -3.11
CA GLY B 8 -4.22 -31.13 -3.39
C GLY B 8 -3.41 -30.94 -2.10
N GLN B 9 -2.19 -31.48 -2.09
CA GLN B 9 -1.31 -31.36 -0.93
C GLN B 9 0.01 -30.74 -1.37
N SER B 10 0.39 -29.65 -0.71
CA SER B 10 1.64 -28.95 -1.00
C SER B 10 2.42 -28.70 0.30
N GLY B 11 3.72 -28.53 0.16
CA GLY B 11 4.59 -28.23 1.30
C GLY B 11 4.51 -26.75 1.69
N GLY B 12 5.58 -26.27 2.33
CA GLY B 12 5.72 -24.86 2.63
C GLY B 12 5.94 -24.03 1.37
N GLU B 13 5.70 -22.72 1.48
CA GLU B 13 5.84 -21.82 0.35
C GLU B 13 6.52 -20.52 0.82
N GLN B 14 7.58 -20.13 0.11
CA GLN B 14 8.24 -18.86 0.33
C GLN B 14 8.13 -18.03 -0.96
N GLN B 15 7.66 -16.79 -0.83
CA GLN B 15 7.60 -15.87 -1.94
C GLN B 15 8.29 -14.56 -1.54
N SER B 16 9.14 -14.06 -2.41
CA SER B 16 9.88 -12.85 -2.15
C SER B 16 9.84 -11.94 -3.37
N TYR B 17 9.53 -10.66 -3.16
CA TYR B 17 9.42 -9.71 -4.23
C TYR B 17 10.23 -8.47 -3.87
N SER B 18 11.09 -8.02 -4.79
CA SER B 18 11.81 -6.77 -4.57
C SER B 18 11.76 -5.94 -5.84
N THR B 19 11.51 -4.64 -5.65
CA THR B 19 11.46 -3.68 -6.75
C THR B 19 12.39 -2.53 -6.41
N TYR B 20 13.36 -2.29 -7.28
CA TYR B 20 14.24 -1.14 -7.19
C TYR B 20 13.89 -0.16 -8.30
N GLY B 21 12.98 0.76 -8.00
CA GLY B 21 12.46 1.70 -8.96
C GLY B 21 11.10 2.23 -8.53
N ASN B 22 10.55 3.14 -9.33
CA ASN B 22 9.34 3.87 -8.97
C ASN B 22 8.15 3.24 -9.67
N PRO B 23 7.32 2.42 -8.97
CA PRO B 23 6.12 1.86 -9.58
C PRO B 23 4.99 2.88 -9.63
N GLY B 24 4.29 2.98 -10.77
CA GLY B 24 3.20 3.93 -10.90
C GLY B 24 2.04 3.64 -9.95
N SER B 25 1.82 2.35 -9.68
CA SER B 25 0.79 1.91 -8.74
C SER B 25 1.10 0.47 -8.35
N GLN B 26 0.72 0.10 -7.13
CA GLN B 26 0.92 -1.26 -6.64
C GLN B 26 -0.37 -1.72 -5.97
N GLY B 27 -0.84 -2.92 -6.33
CA GLY B 27 -1.90 -3.58 -5.59
C GLY B 27 -1.37 -4.85 -4.96
N TYR B 28 -1.59 -5.02 -3.66
CA TYR B 28 -1.12 -6.20 -2.94
C TYR B 28 -2.27 -7.04 -2.43
N GLY B 29 -3.41 -6.43 -2.11
CA GLY B 29 -4.49 -7.14 -1.43
C GLY B 29 -5.57 -7.62 -2.39
N GLN B 30 -6.76 -7.86 -1.84
CA GLN B 30 -7.86 -8.48 -2.57
C GLN B 30 -8.86 -7.40 -3.00
N ALA B 31 -9.20 -7.39 -4.29
CA ALA B 31 -10.25 -6.53 -4.80
C ALA B 31 -11.35 -7.42 -5.40
N SER B 32 -12.59 -7.21 -4.97
CA SER B 32 -13.71 -7.97 -5.48
C SER B 32 -14.83 -7.02 -5.92
N GLN B 33 -15.38 -7.28 -7.10
CA GLN B 33 -16.49 -6.53 -7.64
C GLN B 33 -17.53 -7.53 -8.11
N SER B 34 -18.73 -7.46 -7.54
CA SER B 34 -19.75 -8.46 -7.81
C SER B 34 -21.07 -7.80 -8.13
N TYR B 35 -21.78 -8.38 -9.09
CA TYR B 35 -23.13 -7.97 -9.44
C TYR B 35 -24.01 -9.20 -9.38
N SER B 36 -24.78 -9.32 -8.31
CA SER B 36 -25.67 -10.46 -8.11
C SER B 36 -27.12 -10.01 -8.19
N GLY B 37 -27.35 -8.70 -8.40
CA GLY B 37 -28.68 -8.13 -8.41
C GLY B 37 -29.33 -8.21 -9.78
N TYR B 38 -30.32 -7.33 -10.01
CA TYR B 38 -31.04 -7.33 -11.28
C TYR B 38 -31.61 -5.94 -11.54
N GLY B 39 -30.79 -4.90 -11.28
CA GLY B 39 -31.16 -3.53 -11.57
C GLY B 39 -30.85 -3.15 -13.02
N GLN B 40 -31.13 -1.90 -13.37
CA GLN B 40 -30.83 -1.34 -14.68
C GLN B 40 -29.72 -0.31 -14.56
N THR B 41 -28.68 -0.48 -15.39
CA THR B 41 -27.65 0.52 -15.58
C THR B 41 -27.81 1.06 -17.00
N THR B 42 -28.16 2.35 -17.11
CA THR B 42 -28.52 2.95 -18.39
C THR B 42 -27.77 4.28 -18.56
N ASP B 43 -27.01 4.38 -19.66
CA ASP B 43 -26.23 5.57 -19.96
C ASP B 43 -25.30 5.93 -18.80
N SER B 44 -24.80 4.90 -18.11
CA SER B 44 -24.09 5.09 -16.86
C SER B 44 -22.74 4.40 -16.91
N SER B 45 -21.90 4.66 -15.90
CA SER B 45 -20.69 3.89 -15.70
C SER B 45 -20.39 3.81 -14.22
N TYR B 46 -19.79 2.70 -13.79
CA TYR B 46 -19.35 2.57 -12.41
C TYR B 46 -18.04 1.79 -12.36
N GLY B 47 -17.32 1.93 -11.26
CA GLY B 47 -15.96 1.43 -11.20
C GLY B 47 -15.50 1.09 -9.81
N GLN B 48 -14.54 0.17 -9.76
CA GLN B 48 -13.74 -0.04 -8.58
C GLN B 48 -12.30 0.25 -8.98
N ASN B 49 -11.67 1.19 -8.28
CA ASN B 49 -10.27 1.52 -8.51
C ASN B 49 -9.48 1.11 -7.27
N TYR B 50 -8.71 0.03 -7.40
CA TYR B 50 -7.99 -0.50 -6.25
C TYR B 50 -6.72 0.31 -6.03
N SER B 51 -5.98 0.52 -7.12
CA SER B 51 -4.87 1.44 -7.16
C SER B 51 -4.76 1.99 -8.58
N GLY B 52 -3.85 2.92 -8.82
CA GLY B 52 -3.72 3.49 -10.15
C GLY B 52 -4.87 4.44 -10.48
N TYR B 53 -5.25 4.49 -11.77
CA TYR B 53 -6.04 5.58 -12.31
C TYR B 53 -7.25 5.06 -13.09
N SER B 54 -8.46 5.49 -12.71
CA SER B 54 -9.68 5.17 -13.43
C SER B 54 -10.41 6.46 -13.82
N SER B 55 -10.78 6.59 -15.08
CA SER B 55 -11.56 7.71 -15.55
C SER B 55 -12.78 7.18 -16.28
N TYR B 56 -13.96 7.63 -15.84
CA TYR B 56 -15.22 7.23 -16.45
C TYR B 56 -16.23 8.35 -16.23
N GLY B 57 -17.53 8.04 -16.23
CA GLY B 57 -18.55 9.08 -16.25
C GLY B 57 -18.37 10.02 -17.43
N GLN B 58 -18.55 11.33 -17.21
CA GLN B 58 -18.23 12.34 -18.20
C GLN B 58 -17.05 13.19 -17.71
N SER B 59 -16.10 12.57 -17.02
CA SER B 59 -15.01 13.29 -16.38
C SER B 59 -14.01 13.80 -17.42
N GLN B 60 -13.31 14.88 -17.07
CA GLN B 60 -12.15 15.34 -17.81
C GLN B 60 -11.00 15.47 -16.83
N SER B 61 -9.98 14.65 -17.00
CA SER B 61 -8.95 14.56 -15.98
C SER B 61 -7.59 14.28 -16.60
N GLY B 62 -6.55 14.44 -15.79
CA GLY B 62 -5.20 14.10 -16.19
C GLY B 62 -4.37 13.72 -14.98
N TYR B 63 -3.44 12.79 -15.19
CA TYR B 63 -2.56 12.31 -14.15
C TYR B 63 -1.13 12.38 -14.68
N SER B 64 -0.25 13.14 -14.02
CA SER B 64 1.16 13.16 -14.37
C SER B 64 2.01 12.68 -13.19
N GLN B 65 2.94 11.80 -13.49
CA GLN B 65 3.97 11.38 -12.56
C GLN B 65 5.32 11.68 -13.20
N SER B 66 6.18 12.46 -12.53
CA SER B 66 7.50 12.78 -13.06
C SER B 66 8.57 12.51 -12.01
N TYR B 67 9.64 11.83 -12.42
CA TYR B 67 10.69 11.44 -11.52
C TYR B 67 12.05 11.89 -12.06
N GLY B 68 12.97 12.16 -11.15
CA GLY B 68 14.37 12.37 -11.50
C GLY B 68 15.06 11.04 -11.76
N GLY B 69 16.38 11.01 -11.58
CA GLY B 69 17.15 9.81 -11.83
C GLY B 69 17.02 8.79 -10.71
N TYR B 70 17.53 7.59 -10.97
CA TYR B 70 17.59 6.53 -9.99
C TYR B 70 19.01 5.98 -9.97
N GLU B 71 19.61 5.87 -8.78
CA GLU B 71 20.93 5.29 -8.62
C GLU B 71 20.90 4.22 -7.54
N ASN B 72 21.48 3.06 -7.84
CA ASN B 72 21.53 1.95 -6.90
C ASN B 72 22.92 1.30 -6.96
N GLN B 73 23.60 1.21 -5.81
CA GLN B 73 24.95 0.68 -5.71
C GLN B 73 25.84 1.42 -6.71
N LYS B 74 26.11 2.68 -6.38
CA LYS B 74 26.79 3.60 -7.27
C LYS B 74 27.93 4.27 -6.51
N GLN B 75 29.10 4.37 -7.14
CA GLN B 75 30.21 5.16 -6.60
C GLN B 75 30.51 6.28 -7.59
N SER B 76 30.58 7.51 -7.07
CA SER B 76 31.07 8.64 -7.84
C SER B 76 32.59 8.50 -8.01
N SER B 77 33.22 9.51 -8.60
CA SER B 77 34.60 9.39 -9.07
C SER B 77 35.56 9.06 -7.93
N TYR B 78 36.66 8.39 -8.28
CA TYR B 78 37.78 8.11 -7.39
C TYR B 78 37.36 7.16 -6.27
N SER B 79 36.88 5.98 -6.66
CA SER B 79 36.55 4.92 -5.72
C SER B 79 37.67 3.88 -5.72
N GLN B 80 38.00 3.36 -4.53
CA GLN B 80 39.07 2.39 -4.37
C GLN B 80 38.48 1.06 -3.93
N GLN B 81 38.52 0.08 -4.85
CA GLN B 81 38.07 -1.29 -4.60
C GLN B 81 36.68 -1.30 -3.97
N PRO B 82 35.66 -0.67 -4.59
CA PRO B 82 34.29 -0.85 -4.14
C PRO B 82 33.82 -2.28 -4.38
N TYR B 83 32.96 -2.76 -3.48
CA TYR B 83 32.37 -4.08 -3.60
C TYR B 83 30.86 -3.91 -3.62
N ASN B 84 30.23 -4.27 -4.75
CA ASN B 84 28.80 -4.17 -4.94
C ASN B 84 28.23 -5.57 -5.18
N ASN B 85 27.30 -5.98 -4.33
CA ASN B 85 26.73 -7.31 -4.44
C ASN B 85 25.22 -7.21 -4.40
N GLN B 86 24.55 -7.91 -5.32
CA GLN B 86 23.10 -8.04 -5.29
C GLN B 86 22.76 -9.41 -5.85
N GLY B 87 21.50 -9.81 -5.70
CA GLY B 87 21.01 -11.00 -6.35
C GLY B 87 20.02 -11.80 -5.50
N GLN B 88 19.70 -12.98 -6.02
CA GLN B 88 18.71 -13.87 -5.46
C GLN B 88 19.36 -15.21 -5.21
N GLN B 89 19.13 -15.79 -4.02
CA GLN B 89 19.64 -17.10 -3.70
C GLN B 89 18.53 -17.94 -3.08
N GLN B 90 18.27 -19.12 -3.66
CA GLN B 90 17.28 -20.04 -3.14
C GLN B 90 17.99 -21.32 -2.71
N ASN B 91 17.71 -21.77 -1.49
CA ASN B 91 18.27 -23.00 -0.94
C ASN B 91 17.13 -23.86 -0.44
N MET B 92 17.06 -25.09 -0.95
CA MET B 92 16.02 -26.02 -0.53
C MET B 92 16.65 -27.37 -0.24
N GLU B 93 16.27 -27.95 0.90
CA GLU B 93 16.73 -29.27 1.33
C GLU B 93 15.53 -30.06 1.82
N SER B 94 15.50 -31.35 1.47
CA SER B 94 14.59 -32.32 2.08
C SER B 94 13.16 -31.81 2.11
N SER B 95 12.72 -31.23 0.98
CA SER B 95 11.39 -30.63 0.89
C SER B 95 10.68 -31.10 -0.38
N GLY B 96 10.90 -32.37 -0.73
CA GLY B 96 10.19 -33.00 -1.83
C GLY B 96 8.87 -33.60 -1.36
N SER B 97 8.34 -34.56 -2.13
CA SER B 97 7.10 -35.23 -1.78
C SER B 97 7.37 -36.70 -1.49
N GLN B 98 6.49 -37.29 -0.68
CA GLN B 98 6.63 -38.68 -0.25
C GLN B 98 5.22 -39.28 -0.11
N GLY B 99 4.99 -40.42 -0.76
CA GLY B 99 3.70 -41.08 -0.75
C GLY B 99 3.43 -41.77 0.58
N TYR C 7 -10.92 -30.24 -1.50
CA TYR C 7 -10.12 -29.80 -0.31
C TYR C 7 -8.71 -29.42 -0.75
N GLY C 8 -7.93 -28.90 0.21
CA GLY C 8 -6.54 -28.53 -0.05
C GLY C 8 -5.76 -28.36 1.25
N GLN C 9 -4.55 -28.94 1.29
CA GLN C 9 -3.69 -28.87 2.46
C GLN C 9 -2.34 -28.28 2.06
N SER C 10 -1.94 -27.19 2.74
CA SER C 10 -0.68 -26.53 2.49
C SER C 10 0.07 -26.32 3.80
N GLY C 11 1.41 -26.19 3.70
CA GLY C 11 2.25 -25.93 4.85
C GLY C 11 2.21 -24.46 5.25
N GLY C 12 3.28 -24.01 5.92
CA GLY C 12 3.45 -22.61 6.25
C GLY C 12 3.71 -21.78 4.99
N GLU C 13 3.51 -20.46 5.11
CA GLU C 13 3.71 -19.54 4.01
C GLU C 13 4.41 -18.28 4.50
N GLN C 14 5.49 -17.91 3.81
CA GLN C 14 6.19 -16.66 4.06
C GLN C 14 6.13 -15.82 2.79
N GLN C 15 5.70 -14.55 2.93
CA GLN C 15 5.68 -13.61 1.83
C GLN C 15 6.39 -12.34 2.26
N SER C 16 7.28 -11.85 1.40
CA SER C 16 8.06 -10.66 1.71
C SER C 16 8.06 -9.75 0.49
N TYR C 17 7.77 -8.46 0.72
CA TYR C 17 7.73 -7.48 -0.35
C TYR C 17 8.56 -6.28 0.04
N SER C 18 9.45 -5.84 -0.84
CA SER C 18 10.20 -4.62 -0.60
C SER C 18 10.19 -3.77 -1.86
N THR C 19 9.98 -2.47 -1.67
CA THR C 19 9.98 -1.49 -2.74
C THR C 19 10.93 -0.37 -2.37
N TYR C 20 11.93 -0.15 -3.22
CA TYR C 20 12.84 0.98 -3.09
C TYR C 20 12.54 1.98 -4.20
N GLY C 21 11.64 2.92 -3.90
CA GLY C 21 11.18 3.89 -4.88
C GLY C 21 9.83 4.45 -4.45
N ASN C 22 9.32 5.39 -5.24
CA ASN C 22 8.13 6.15 -4.90
C ASN C 22 6.93 5.56 -5.63
N PRO C 23 6.07 4.76 -4.97
CA PRO C 23 4.85 4.23 -5.61
C PRO C 23 3.76 5.30 -5.66
N GLY C 24 3.08 5.43 -6.81
CA GLY C 24 2.02 6.41 -6.96
C GLY C 24 0.84 6.14 -6.03
N SER C 25 0.56 4.85 -5.78
CA SER C 25 -0.48 4.43 -4.86
C SER C 25 -0.22 2.98 -4.49
N GLN C 26 -0.65 2.60 -3.28
CA GLN C 26 -0.49 1.24 -2.81
C GLN C 26 -1.81 0.80 -2.17
N GLY C 27 -2.29 -0.38 -2.56
CA GLY C 27 -3.39 -1.02 -1.85
C GLY C 27 -2.91 -2.32 -1.22
N TYR C 28 -3.17 -2.49 0.08
CA TYR C 28 -2.73 -3.68 0.79
C TYR C 28 -3.92 -4.51 1.26
N GLY C 29 -5.06 -3.87 1.58
CA GLY C 29 -6.16 -4.55 2.22
C GLY C 29 -7.24 -5.00 1.23
N GLN C 30 -8.45 -5.21 1.75
CA GLN C 30 -9.55 -5.78 1.00
C GLN C 30 -10.51 -4.67 0.56
N ALA C 31 -10.83 -4.63 -0.73
CA ALA C 31 -11.84 -3.73 -1.25
C ALA C 31 -12.95 -4.58 -1.89
N SER C 32 -14.20 -4.34 -1.48
CA SER C 32 -15.33 -5.06 -2.02
C SER C 32 -16.40 -4.08 -2.47
N GLN C 33 -16.93 -4.31 -3.67
CA GLN C 33 -18.01 -3.53 -4.22
C GLN C 33 -19.08 -4.49 -4.71
N SER C 34 -20.29 -4.38 -4.16
CA SER C 34 -21.33 -5.36 -4.47
C SER C 34 -22.63 -4.65 -4.80
N TYR C 35 -23.33 -5.20 -5.79
CA TYR C 35 -24.66 -4.74 -6.16
C TYR C 35 -25.57 -5.95 -6.15
N SER C 36 -26.37 -6.07 -5.08
CA SER C 36 -27.30 -7.17 -4.92
C SER C 36 -28.74 -6.68 -5.01
N GLY C 37 -28.92 -5.37 -5.22
CA GLY C 37 -30.23 -4.76 -5.23
C GLY C 37 -30.86 -4.79 -6.62
N TYR C 38 -31.81 -3.89 -6.86
CA TYR C 38 -32.50 -3.85 -8.14
C TYR C 38 -33.04 -2.44 -8.39
N GLY C 39 -32.19 -1.44 -8.11
CA GLY C 39 -32.52 -0.05 -8.39
C GLY C 39 -32.16 0.34 -9.82
N GLN C 40 -32.40 1.61 -10.16
CA GLN C 40 -32.06 2.16 -11.46
C GLN C 40 -30.91 3.16 -11.31
N THR C 41 -29.87 2.97 -12.12
CA THR C 41 -28.81 3.95 -12.28
C THR C 41 -28.93 4.52 -13.69
N THR C 42 -29.25 5.81 -13.79
CA THR C 42 -29.55 6.44 -15.08
C THR C 42 -28.77 7.74 -15.21
N ASP C 43 -27.98 7.84 -16.29
CA ASP C 43 -27.16 9.01 -16.57
C ASP C 43 -26.25 9.32 -15.37
N SER C 44 -25.78 8.27 -14.69
CA SER C 44 -25.10 8.43 -13.43
C SER C 44 -23.76 7.70 -13.45
N SER C 45 -22.94 7.93 -12.42
CA SER C 45 -21.76 7.12 -12.22
C SER C 45 -21.48 7.01 -10.73
N TYR C 46 -20.94 5.87 -10.30
CA TYR C 46 -20.52 5.72 -8.92
C TYR C 46 -19.24 4.91 -8.85
N GLY C 47 -18.53 5.01 -7.73
CA GLY C 47 -17.18 4.47 -7.67
C GLY C 47 -16.76 4.09 -6.26
N GLN C 48 -15.84 3.15 -6.21
CA GLN C 48 -15.06 2.90 -5.01
C GLN C 48 -13.61 3.15 -5.39
N ASN C 49 -12.96 4.07 -4.66
CA ASN C 49 -11.55 4.35 -4.86
C ASN C 49 -10.79 3.92 -3.62
N TYR C 50 -10.06 2.81 -3.73
CA TYR C 50 -9.38 2.25 -2.58
C TYR C 50 -8.09 3.02 -2.32
N SER C 51 -7.32 3.23 -3.40
CA SER C 51 -6.17 4.11 -3.40
C SER C 51 -6.04 4.67 -4.81
N GLY C 52 -5.08 5.57 -5.02
CA GLY C 52 -4.91 6.16 -6.35
C GLY C 52 -6.03 7.14 -6.69
N TYR C 53 -6.39 7.22 -7.97
CA TYR C 53 -7.14 8.35 -8.51
C TYR C 53 -8.34 7.87 -9.33
N SER C 54 -9.54 8.33 -8.97
CA SER C 54 -10.77 8.06 -9.72
C SER C 54 -11.44 9.37 -10.10
N SER C 55 -11.79 9.52 -11.38
CA SER C 55 -12.52 10.68 -11.84
C SER C 55 -13.75 10.18 -12.59
N TYR C 56 -14.93 10.66 -12.17
CA TYR C 56 -16.18 10.30 -12.81
C TYR C 56 -17.17 11.46 -12.59
N GLY C 57 -18.47 11.19 -12.64
CA GLY C 57 -19.45 12.26 -12.65
C GLY C 57 -19.22 13.20 -13.82
N GLN C 58 -19.38 14.50 -13.58
CA GLN C 58 -19.00 15.53 -14.55
C GLN C 58 -17.82 16.33 -14.03
N SER C 59 -16.89 15.67 -13.33
CA SER C 59 -15.80 16.36 -12.67
C SER C 59 -14.77 16.84 -13.68
N GLN C 60 -14.03 17.90 -13.30
CA GLN C 60 -12.86 18.34 -14.02
C GLN C 60 -11.72 18.42 -13.01
N SER C 61 -10.71 17.57 -13.17
CA SER C 61 -9.71 17.45 -12.13
C SER C 61 -8.35 17.13 -12.73
N GLY C 62 -7.32 17.26 -11.90
CA GLY C 62 -5.98 16.88 -12.28
C GLY C 62 -5.17 16.47 -11.05
N TYR C 63 -4.27 15.51 -11.26
CA TYR C 63 -3.43 14.99 -10.20
C TYR C 63 -1.99 15.03 -10.71
N SER C 64 -1.11 15.75 -10.02
CA SER C 64 0.32 15.74 -10.34
C SER C 64 1.12 15.22 -9.15
N GLN C 65 2.05 14.30 -9.44
CA GLN C 65 3.04 13.85 -8.50
C GLN C 65 4.42 14.11 -9.11
N SER C 66 5.28 14.87 -8.42
CA SER C 66 6.62 15.15 -8.91
C SER C 66 7.65 14.84 -7.84
N TYR C 67 8.71 14.13 -8.25
CA TYR C 67 9.74 13.70 -7.33
C TYR C 67 11.12 14.12 -7.84
N GLY C 68 12.03 14.35 -6.90
CA GLY C 68 13.45 14.52 -7.22
C GLY C 68 14.10 13.19 -7.49
N GLY C 69 15.42 13.12 -7.29
CA GLY C 69 16.15 11.89 -7.54
C GLY C 69 15.96 10.86 -6.43
N TYR C 70 16.44 9.65 -6.70
CA TYR C 70 16.46 8.58 -5.73
C TYR C 70 17.86 7.98 -5.68
N GLU C 71 18.44 7.85 -4.49
CA GLU C 71 19.74 7.23 -4.32
C GLU C 71 19.65 6.14 -3.25
N ASN C 72 20.21 4.97 -3.55
CA ASN C 72 20.22 3.85 -2.63
C ASN C 72 21.58 3.16 -2.68
N GLN C 73 22.23 3.04 -1.51
CA GLN C 73 23.56 2.47 -1.39
C GLN C 73 24.50 3.19 -2.36
N LYS C 74 24.80 4.44 -2.02
CA LYS C 74 25.52 5.35 -2.88
C LYS C 74 26.67 5.98 -2.08
N GLN C 75 27.86 6.04 -2.69
CA GLN C 75 28.96 6.79 -2.12
C GLN C 75 29.32 7.93 -3.08
N SER C 76 29.41 9.15 -2.56
CA SER C 76 29.96 10.28 -3.30
C SER C 76 31.46 10.09 -3.44
N SER C 77 32.15 11.09 -4.01
CA SER C 77 33.53 10.94 -4.45
C SER C 77 34.45 10.56 -3.29
N TYR C 78 35.54 9.86 -3.63
CA TYR C 78 36.63 9.55 -2.71
C TYR C 78 36.17 8.59 -1.63
N SER C 79 35.67 7.43 -2.04
CA SER C 79 35.29 6.37 -1.12
C SER C 79 36.37 5.30 -1.11
N GLN C 80 36.66 4.76 0.08
CA GLN C 80 37.70 3.75 0.24
C GLN C 80 37.06 2.43 0.65
N GLN C 81 37.10 1.46 -0.28
CA GLN C 81 36.60 0.11 -0.05
C GLN C 81 35.20 0.13 0.56
N PRO C 82 34.21 0.79 -0.08
CA PRO C 82 32.81 0.65 0.35
C PRO C 82 32.32 -0.77 0.08
N TYR C 83 31.43 -1.24 0.95
CA TYR C 83 30.80 -2.53 0.81
C TYR C 83 29.29 -2.33 0.76
N ASN C 84 28.69 -2.65 -0.40
CA ASN C 84 27.26 -2.51 -0.60
C ASN C 84 26.67 -3.88 -0.87
N ASN C 85 25.70 -4.28 -0.05
CA ASN C 85 25.09 -5.60 -0.19
C ASN C 85 23.58 -5.45 -0.17
N GLN C 86 22.91 -6.12 -1.12
CA GLN C 86 21.46 -6.21 -1.11
C GLN C 86 21.09 -7.55 -1.70
N GLY C 87 19.81 -7.92 -1.58
CA GLY C 87 19.31 -9.09 -2.26
C GLY C 87 18.28 -9.87 -1.43
N GLN C 88 17.93 -11.03 -1.99
CA GLN C 88 16.90 -11.89 -1.45
C GLN C 88 17.52 -13.27 -1.20
N GLN C 89 17.24 -13.84 -0.03
CA GLN C 89 17.71 -15.18 0.28
C GLN C 89 16.56 -15.99 0.87
N GLN C 90 16.28 -17.16 0.28
CA GLN C 90 15.26 -18.06 0.77
C GLN C 90 15.92 -19.36 1.19
N ASN C 91 15.61 -19.82 2.40
CA ASN C 91 16.12 -21.07 2.95
C ASN C 91 14.95 -21.91 3.41
N MET C 92 14.84 -23.12 2.88
CA MET C 92 13.78 -24.02 3.27
C MET C 92 14.36 -25.40 3.56
N GLU C 93 13.95 -25.98 4.68
CA GLU C 93 14.35 -27.32 5.10
C GLU C 93 13.12 -28.09 5.55
N SER C 94 13.06 -29.37 5.19
CA SER C 94 12.12 -30.32 5.77
C SER C 94 10.69 -29.76 5.76
N SER C 95 10.30 -29.16 4.64
CA SER C 95 8.99 -28.52 4.54
C SER C 95 8.30 -28.94 3.25
N GLY C 96 8.47 -30.22 2.88
CA GLY C 96 7.77 -30.82 1.77
C GLY C 96 6.42 -31.38 2.21
N SER C 97 5.89 -32.32 1.41
CA SER C 97 4.62 -32.96 1.71
C SER C 97 4.84 -34.45 2.00
N GLN C 98 3.93 -35.03 2.78
CA GLN C 98 4.02 -36.41 3.19
C GLN C 98 2.59 -36.97 3.31
N GLY C 99 2.35 -38.10 2.63
CA GLY C 99 1.04 -38.72 2.61
C GLY C 99 0.72 -39.41 3.93
N TYR D 7 -15.56 -24.65 4.94
CA TYR D 7 -14.79 -24.28 6.16
C TYR D 7 -13.35 -23.98 5.79
N GLY D 8 -12.57 -23.52 6.79
CA GLY D 8 -11.16 -23.22 6.60
C GLY D 8 -10.41 -23.14 7.93
N GLN D 9 -9.25 -23.78 8.00
CA GLN D 9 -8.43 -23.79 9.20
C GLN D 9 -7.03 -23.26 8.87
N SER D 10 -6.61 -22.23 9.60
CA SER D 10 -5.29 -21.64 9.41
C SER D 10 -4.57 -21.50 10.76
N GLY D 11 -3.25 -21.44 10.70
CA GLY D 11 -2.43 -21.26 11.89
C GLY D 11 -2.40 -19.80 12.34
N GLY D 12 -1.34 -19.44 13.07
CA GLY D 12 -1.10 -18.05 13.43
C GLY D 12 -0.74 -17.20 12.22
N GLU D 13 -0.88 -15.89 12.36
CA GLU D 13 -0.58 -14.95 11.28
C GLU D 13 0.17 -13.75 11.84
N GLN D 14 1.31 -13.42 11.20
CA GLN D 14 2.06 -12.22 11.51
C GLN D 14 2.09 -11.34 10.26
N GLN D 15 1.73 -10.07 10.42
CA GLN D 15 1.81 -9.09 9.34
C GLN D 15 2.57 -7.87 9.83
N SER D 16 3.52 -7.42 9.02
CA SER D 16 4.35 -6.28 9.39
C SER D 16 4.46 -5.34 8.19
N TYR D 17 4.24 -4.05 8.45
CA TYR D 17 4.28 -3.04 7.41
C TYR D 17 5.17 -1.91 7.87
N SER D 18 6.12 -1.50 7.02
CA SER D 18 6.93 -0.32 7.33
C SER D 18 7.03 0.56 6.09
N THR D 19 6.88 1.87 6.31
CA THR D 19 6.97 2.86 5.27
C THR D 19 7.98 3.91 5.71
N TYR D 20 9.02 4.10 4.90
CA TYR D 20 9.98 5.17 5.09
C TYR D 20 9.78 6.21 4.00
N GLY D 21 8.94 7.20 4.29
CA GLY D 21 8.57 8.21 3.32
C GLY D 21 7.23 8.84 3.71
N ASN D 22 6.80 9.83 2.92
CA ASN D 22 5.65 10.66 3.24
C ASN D 22 4.45 10.15 2.44
N PRO D 23 3.52 9.38 3.05
CA PRO D 23 2.31 8.95 2.35
C PRO D 23 1.27 10.07 2.29
N GLY D 24 0.65 10.27 1.12
CA GLY D 24 -0.34 11.32 0.96
C GLY D 24 -1.58 11.09 1.84
N SER D 25 -1.94 9.82 2.04
CA SER D 25 -3.03 9.44 2.90
C SER D 25 -2.88 7.96 3.25
N GLN D 26 -3.37 7.58 4.43
CA GLN D 26 -3.32 6.20 4.87
C GLN D 26 -4.67 5.82 5.45
N GLY D 27 -5.21 4.68 5.01
CA GLY D 27 -6.37 4.09 5.65
C GLY D 27 -5.99 2.75 6.27
N TYR D 28 -6.31 2.56 7.55
CA TYR D 28 -5.98 1.33 8.24
C TYR D 28 -7.23 0.56 8.65
N GLY D 29 -8.33 1.26 8.94
CA GLY D 29 -9.51 0.62 9.52
C GLY D 29 -10.56 0.27 8.48
N GLN D 30 -11.80 0.12 8.94
CA GLN D 30 -12.91 -0.37 8.14
C GLN D 30 -13.77 0.80 7.69
N ALA D 31 -14.05 0.89 6.39
CA ALA D 31 -14.98 1.85 5.86
C ALA D 31 -16.11 1.09 5.15
N SER D 32 -17.36 1.39 5.52
CA SER D 32 -18.50 0.76 4.92
C SER D 32 -19.50 1.81 4.46
N GLN D 33 -20.00 1.63 3.23
CA GLN D 33 -21.01 2.49 2.66
C GLN D 33 -22.11 1.61 2.10
N SER D 34 -23.34 1.77 2.60
CA SER D 34 -24.40 0.86 2.23
C SER D 34 -25.65 1.66 1.87
N TYR D 35 -26.34 1.17 0.84
CA TYR D 35 -27.62 1.72 0.44
C TYR D 35 -28.61 0.56 0.38
N SER D 36 -29.46 0.46 1.41
CA SER D 36 -30.45 -0.59 1.52
C SER D 36 -31.86 -0.01 1.37
N GLY D 37 -31.95 1.31 1.20
CA GLY D 37 -33.22 2.00 1.15
C GLY D 37 -33.80 2.03 -0.26
N TYR D 38 -34.69 3.00 -0.51
CA TYR D 38 -35.33 3.11 -1.82
C TYR D 38 -35.77 4.55 -2.05
N GLY D 39 -34.88 5.50 -1.72
CA GLY D 39 -35.11 6.91 -1.96
C GLY D 39 -34.68 7.31 -3.37
N GLN D 40 -34.83 8.60 -3.68
CA GLN D 40 -34.41 9.16 -4.96
C GLN D 40 -33.22 10.08 -4.73
N THR D 41 -32.15 9.86 -5.51
CA THR D 41 -31.03 10.77 -5.60
C THR D 41 -31.06 11.38 -7.00
N THR D 42 -31.30 12.70 -7.08
CA THR D 42 -31.52 13.37 -8.35
C THR D 42 -30.66 14.63 -8.43
N ASP D 43 -29.82 14.71 -9.47
CA ASP D 43 -28.92 15.84 -9.68
C ASP D 43 -28.05 16.07 -8.45
N SER D 44 -27.67 14.98 -7.78
CA SER D 44 -27.02 15.07 -6.49
C SER D 44 -25.73 14.26 -6.48
N SER D 45 -24.95 14.42 -5.42
CA SER D 45 -23.82 13.53 -5.19
C SER D 45 -23.62 13.37 -3.69
N TYR D 46 -23.14 12.19 -3.27
CA TYR D 46 -22.80 11.98 -1.88
C TYR D 46 -21.56 11.10 -1.79
N GLY D 47 -20.90 11.12 -0.64
CA GLY D 47 -19.59 10.51 -0.54
C GLY D 47 -19.25 10.08 0.87
N GLN D 48 -18.37 9.08 0.94
CA GLN D 48 -17.67 8.76 2.15
C GLN D 48 -16.19 8.93 1.84
N ASN D 49 -15.52 9.79 2.62
CA ASN D 49 -14.08 10.00 2.48
C ASN D 49 -13.40 9.49 3.74
N TYR D 50 -12.73 8.35 3.62
CA TYR D 50 -12.14 7.71 4.78
C TYR D 50 -10.82 8.40 5.11
N SER D 51 -10.00 8.59 4.07
CA SER D 51 -8.80 9.40 4.13
C SER D 51 -8.57 10.00 2.75
N GLY D 52 -7.56 10.84 2.60
CA GLY D 52 -7.31 11.45 1.29
C GLY D 52 -8.35 12.51 0.94
N TYR D 53 -8.66 12.64 -0.36
CA TYR D 53 -9.31 13.82 -0.90
C TYR D 53 -10.51 13.42 -1.76
N SER D 54 -11.70 13.95 -1.44
CA SER D 54 -12.90 13.77 -2.24
C SER D 54 -13.49 15.12 -2.61
N SER D 55 -13.76 15.32 -3.90
CA SER D 55 -14.42 16.53 -4.36
C SER D 55 -15.64 16.14 -5.17
N TYR D 56 -16.81 16.67 -4.79
CA TYR D 56 -18.06 16.40 -5.49
C TYR D 56 -18.97 17.60 -5.27
N GLY D 57 -20.29 17.40 -5.37
CA GLY D 57 -21.21 18.53 -5.39
C GLY D 57 -20.88 19.49 -6.53
N GLN D 58 -20.97 20.79 -6.26
CA GLN D 58 -20.51 21.82 -7.19
C GLN D 58 -19.29 22.54 -6.60
N SER D 59 -18.44 21.81 -5.89
CA SER D 59 -17.33 22.42 -5.16
C SER D 59 -16.22 22.87 -6.12
N GLN D 60 -15.46 23.87 -5.69
CA GLN D 60 -14.23 24.26 -6.35
C GLN D 60 -13.13 24.26 -5.30
N SER D 61 -12.17 23.34 -5.44
CA SER D 61 -11.21 23.14 -4.36
C SER D 61 -9.85 22.76 -4.92
N GLY D 62 -8.85 22.80 -4.04
CA GLY D 62 -7.51 22.36 -4.38
C GLY D 62 -6.79 21.87 -3.14
N TYR D 63 -5.94 20.86 -3.34
CA TYR D 63 -5.16 20.28 -2.26
C TYR D 63 -3.70 20.24 -2.72
N SER D 64 -2.81 20.89 -1.96
CA SER D 64 -1.39 20.80 -2.23
C SER D 64 -0.65 20.21 -1.03
N GLN D 65 0.23 19.25 -1.31
CA GLN D 65 1.16 18.72 -0.34
C GLN D 65 2.56 18.92 -0.90
N SER D 66 3.44 19.60 -0.14
CA SER D 66 4.81 19.82 -0.59
C SER D 66 5.79 19.43 0.51
N TYR D 67 6.82 18.67 0.12
CA TYR D 67 7.79 18.15 1.08
C TYR D 67 9.20 18.51 0.64
N GLY D 68 10.09 18.67 1.61
CA GLY D 68 11.51 18.76 1.35
C GLY D 68 12.12 17.39 1.07
N GLY D 69 13.41 17.24 1.33
CA GLY D 69 14.09 15.98 1.06
C GLY D 69 13.80 14.94 2.14
N TYR D 70 14.22 13.71 1.85
CA TYR D 70 14.13 12.61 2.80
C TYR D 70 15.50 11.94 2.87
N GLU D 71 16.01 11.74 4.09
CA GLU D 71 17.27 11.04 4.29
C GLU D 71 17.08 9.94 5.32
N ASN D 72 17.58 8.74 5.02
CA ASN D 72 17.48 7.60 5.91
C ASN D 72 18.81 6.83 5.90
N GLN D 73 19.40 6.64 7.09
CA GLN D 73 20.69 5.99 7.24
C GLN D 73 21.70 6.68 6.33
N LYS D 74 22.07 7.91 6.71
CA LYS D 74 22.88 8.80 5.90
C LYS D 74 24.02 9.33 6.77
N GLN D 75 25.23 9.35 6.20
CA GLN D 75 26.36 10.02 6.83
C GLN D 75 26.82 11.16 5.91
N SER D 76 26.96 12.35 6.48
CA SER D 76 27.59 13.46 5.79
C SER D 76 29.10 13.19 5.70
N SER D 77 29.86 14.16 5.19
CA SER D 77 31.24 13.94 4.79
C SER D 77 32.10 13.48 5.98
N TYR D 78 33.16 12.74 5.66
CA TYR D 78 34.19 12.34 6.60
C TYR D 78 33.63 11.38 7.65
N SER D 79 33.07 10.26 7.18
CA SER D 79 32.61 9.20 8.07
C SER D 79 33.62 8.07 8.09
N GLN D 80 33.84 7.48 9.28
CA GLN D 80 34.81 6.42 9.44
C GLN D 80 34.08 5.12 9.79
N GLN D 81 34.10 4.17 8.84
CA GLN D 81 33.51 2.85 9.02
C GLN D 81 32.09 2.95 9.57
N PRO D 82 31.17 3.67 8.91
CA PRO D 82 29.75 3.60 9.28
C PRO D 82 29.18 2.23 8.95
N TYR D 83 28.24 1.78 9.78
CA TYR D 83 27.54 0.53 9.58
C TYR D 83 26.05 0.83 9.48
N ASN D 84 25.48 0.57 8.29
CA ASN D 84 24.07 0.80 8.03
C ASN D 84 23.40 -0.53 7.70
N ASN D 85 22.39 -0.90 8.48
CA ASN D 85 21.71 -2.17 8.28
C ASN D 85 20.21 -1.93 8.25
N GLN D 86 19.54 -2.54 7.26
CA GLN D 86 18.10 -2.54 7.20
C GLN D 86 17.67 -3.85 6.56
N GLY D 87 16.37 -4.15 6.62
CA GLY D 87 15.83 -5.27 5.90
C GLY D 87 14.73 -6.01 6.65
N GLN D 88 14.33 -7.14 6.07
CA GLN D 88 13.23 -7.95 6.54
C GLN D 88 13.76 -9.36 6.78
N GLN D 89 13.41 -9.95 7.93
CA GLN D 89 13.78 -11.32 8.22
C GLN D 89 12.57 -12.08 8.74
N GLN D 90 12.25 -13.20 8.10
CA GLN D 90 11.16 -14.06 8.53
C GLN D 90 11.73 -15.41 8.94
N ASN D 91 11.34 -15.88 10.13
CA ASN D 91 11.76 -17.17 10.65
C ASN D 91 10.53 -17.94 11.05
N MET D 92 10.37 -19.14 10.49
CA MET D 92 9.24 -19.98 10.82
C MET D 92 9.74 -21.40 11.09
N GLU D 93 9.23 -21.99 12.18
CA GLU D 93 9.55 -23.35 12.57
C GLU D 93 8.26 -24.06 12.96
N SER D 94 8.14 -25.33 12.57
CA SER D 94 7.12 -26.24 13.08
C SER D 94 5.74 -25.60 13.03
N SER D 95 5.41 -24.95 11.92
CA SER D 95 4.15 -24.24 11.77
C SER D 95 3.49 -24.58 10.45
N GLY D 96 3.61 -25.85 10.06
CA GLY D 96 2.92 -26.39 8.90
C GLY D 96 1.53 -26.88 9.27
N SER D 97 0.97 -27.77 8.43
CA SER D 97 -0.34 -28.34 8.67
C SER D 97 -0.22 -29.85 8.92
N GLN D 98 -1.19 -30.39 9.65
CA GLN D 98 -1.20 -31.79 10.03
C GLN D 98 -2.66 -32.27 10.07
N GLY D 99 -2.94 -33.36 9.36
CA GLY D 99 -4.28 -33.90 9.27
C GLY D 99 -4.70 -34.61 10.56
N TYR E 7 -17.86 -21.81 8.14
CA TYR E 7 -17.10 -21.49 9.38
C TYR E 7 -15.63 -21.21 9.05
N GLY E 8 -14.87 -20.80 10.06
CA GLY E 8 -13.45 -20.53 9.91
C GLY E 8 -12.73 -20.50 11.26
N GLN E 9 -11.58 -21.17 11.33
CA GLN E 9 -10.79 -21.21 12.56
C GLN E 9 -9.38 -20.72 12.25
N SER E 10 -8.92 -19.72 13.01
CA SER E 10 -7.59 -19.16 12.85
C SER E 10 -6.90 -19.06 14.21
N GLY E 11 -5.57 -19.04 14.18
CA GLY E 11 -4.78 -18.90 15.39
C GLY E 11 -4.71 -17.44 15.86
N GLY E 12 -3.65 -17.12 16.61
CA GLY E 12 -3.38 -15.75 16.99
C GLY E 12 -2.97 -14.90 15.80
N GLU E 13 -3.08 -13.57 15.96
CA GLU E 13 -2.73 -12.64 14.90
C GLU E 13 -1.96 -11.45 15.49
N GLN E 14 -0.80 -11.15 14.88
CA GLN E 14 -0.03 -9.98 15.22
C GLN E 14 0.06 -9.09 13.97
N GLN E 15 -0.27 -7.80 14.14
CA GLN E 15 -0.14 -6.82 13.09
C GLN E 15 0.66 -5.63 13.60
N SER E 16 1.63 -5.19 12.82
CA SER E 16 2.48 -4.09 13.21
C SER E 16 2.64 -3.13 12.04
N TYR E 17 2.46 -1.84 12.31
CA TYR E 17 2.54 -0.82 11.28
C TYR E 17 3.46 0.29 11.77
N SER E 18 4.44 0.68 10.95
CA SER E 18 5.27 1.82 11.28
C SER E 18 5.42 2.71 10.06
N THR E 19 5.29 4.02 10.30
CA THR E 19 5.45 5.02 9.26
C THR E 19 6.48 6.05 9.74
N TYR E 20 7.53 6.22 8.95
CA TYR E 20 8.52 7.25 9.17
C TYR E 20 8.37 8.31 8.09
N GLY E 21 7.56 9.31 8.39
CA GLY E 21 7.23 10.35 7.43
C GLY E 21 5.90 11.02 7.79
N ASN E 22 5.53 12.02 7.01
CA ASN E 22 4.39 12.88 7.31
C ASN E 22 3.19 12.42 6.49
N PRO E 23 2.22 11.67 7.07
CA PRO E 23 1.01 11.28 6.35
C PRO E 23 0.01 12.44 6.27
N GLY E 24 -0.57 12.67 5.09
CA GLY E 24 -1.54 13.75 4.93
C GLY E 24 -2.80 13.54 5.78
N SER E 25 -3.19 12.28 5.95
CA SER E 25 -4.32 11.91 6.79
C SER E 25 -4.22 10.44 7.12
N GLN E 26 -4.74 10.05 8.28
CA GLN E 26 -4.73 8.66 8.72
C GLN E 26 -6.12 8.32 9.26
N GLY E 27 -6.68 7.21 8.80
CA GLY E 27 -7.86 6.63 9.41
C GLY E 27 -7.53 5.28 10.02
N TYR E 28 -7.88 5.08 11.29
CA TYR E 28 -7.60 3.83 11.97
C TYR E 28 -8.88 3.09 12.34
N GLY E 29 -9.97 3.83 12.61
CA GLY E 29 -11.16 3.22 13.17
C GLY E 29 -12.21 2.91 12.11
N GLN E 30 -13.47 2.78 12.55
CA GLN E 30 -14.57 2.33 11.71
C GLN E 30 -15.40 3.54 11.27
N ALA E 31 -15.63 3.65 9.96
CA ALA E 31 -16.53 4.65 9.42
C ALA E 31 -17.66 3.92 8.69
N SER E 32 -18.91 4.26 9.03
CA SER E 32 -20.07 3.66 8.39
C SER E 32 -21.02 4.75 7.94
N GLN E 33 -21.50 4.61 6.70
CA GLN E 33 -22.48 5.50 6.12
C GLN E 33 -23.59 4.65 5.52
N SER E 34 -24.82 4.84 6.01
CA SER E 34 -25.92 3.97 5.60
C SER E 34 -27.13 4.81 5.22
N TYR E 35 -27.81 4.36 4.18
CA TYR E 35 -29.07 4.94 3.75
C TYR E 35 -30.08 3.82 3.67
N SER E 36 -30.96 3.73 4.68
CA SER E 36 -31.98 2.70 4.74
C SER E 36 -33.36 3.33 4.58
N GLY E 37 -33.42 4.65 4.42
CA GLY E 37 -34.67 5.38 4.36
C GLY E 37 -35.22 5.45 2.93
N TYR E 38 -36.08 6.43 2.68
CA TYR E 38 -36.68 6.59 1.37
C TYR E 38 -37.07 8.04 1.14
N GLY E 39 -36.17 8.96 1.51
CA GLY E 39 -36.36 10.38 1.27
C GLY E 39 -35.88 10.79 -0.12
N GLN E 40 -35.99 12.08 -0.42
CA GLN E 40 -35.53 12.66 -1.67
C GLN E 40 -34.32 13.54 -1.41
N THR E 41 -33.24 13.29 -2.17
CA THR E 41 -32.10 14.17 -2.23
C THR E 41 -32.08 14.80 -3.62
N THR E 42 -32.28 16.12 -3.68
CA THR E 42 -32.46 16.81 -4.95
C THR E 42 -31.55 18.05 -4.99
N ASP E 43 -30.70 18.13 -6.03
CA ASP E 43 -29.76 19.23 -6.21
C ASP E 43 -28.90 19.41 -4.95
N SER E 44 -28.57 18.30 -4.30
CA SER E 44 -27.95 18.36 -2.98
C SER E 44 -26.69 17.51 -2.96
N SER E 45 -25.91 17.63 -1.88
CA SER E 45 -24.82 16.71 -1.64
C SER E 45 -24.64 16.53 -0.15
N TYR E 46 -24.21 15.33 0.27
CA TYR E 46 -23.90 15.09 1.67
C TYR E 46 -22.70 14.17 1.77
N GLY E 47 -22.05 14.17 2.93
CA GLY E 47 -20.77 13.51 3.06
C GLY E 47 -20.46 13.05 4.46
N GLN E 48 -19.62 12.03 4.53
CA GLN E 48 -18.95 11.67 5.75
C GLN E 48 -17.46 11.81 5.48
N ASN E 49 -16.78 12.63 6.28
CA ASN E 49 -15.35 12.81 6.17
C ASN E 49 -14.70 12.25 7.44
N TYR E 50 -14.06 11.10 7.31
CA TYR E 50 -13.51 10.43 8.47
C TYR E 50 -12.17 11.07 8.84
N SER E 51 -11.32 11.26 7.82
CA SER E 51 -10.11 12.04 7.92
C SER E 51 -9.83 12.64 6.54
N GLY E 52 -8.80 13.47 6.42
CA GLY E 52 -8.50 14.08 5.14
C GLY E 52 -9.51 15.16 4.77
N TYR E 53 -9.78 15.33 3.46
CA TYR E 53 -10.39 16.52 2.93
C TYR E 53 -11.58 16.18 2.03
N SER E 54 -12.76 16.73 2.34
CA SER E 54 -13.95 16.60 1.52
C SER E 54 -14.49 17.98 1.15
N SER E 55 -14.75 18.20 -0.13
CA SER E 55 -15.35 19.44 -0.60
C SER E 55 -16.57 19.08 -1.43
N TYR E 56 -17.72 19.64 -1.07
CA TYR E 56 -18.97 19.43 -1.79
C TYR E 56 -19.85 20.64 -1.58
N GLY E 57 -21.18 20.49 -1.70
CA GLY E 57 -22.07 21.63 -1.73
C GLY E 57 -21.68 22.60 -2.84
N GLN E 58 -21.74 23.91 -2.56
CA GLN E 58 -21.22 24.92 -3.47
C GLN E 58 -20.01 25.61 -2.85
N SER E 59 -19.18 24.84 -2.12
CA SER E 59 -18.08 25.41 -1.37
C SER E 59 -16.95 25.84 -2.30
N GLN E 60 -16.15 26.81 -1.84
CA GLN E 60 -14.90 27.17 -2.48
C GLN E 60 -13.83 27.13 -1.40
N SER E 61 -12.88 26.19 -1.53
CA SER E 61 -11.96 25.94 -0.45
C SER E 61 -10.60 25.53 -0.98
N GLY E 62 -9.61 25.53 -0.09
CA GLY E 62 -8.28 25.06 -0.40
C GLY E 62 -7.59 24.53 0.84
N TYR E 63 -6.77 23.51 0.66
CA TYR E 63 -6.03 22.88 1.73
C TYR E 63 -4.57 22.81 1.31
N SER E 64 -3.67 23.42 2.08
CA SER E 64 -2.24 23.30 1.85
C SER E 64 -1.55 22.67 3.05
N GLN E 65 -0.69 21.69 2.77
CA GLN E 65 0.20 21.12 3.75
C GLN E 65 1.62 21.29 3.23
N SER E 66 2.50 21.94 4.01
CA SER E 66 3.89 22.12 3.60
C SER E 66 4.83 21.68 4.71
N TYR E 67 5.85 20.90 4.34
CA TYR E 67 6.78 20.34 5.30
C TYR E 67 8.21 20.65 4.88
N GLY E 68 9.09 20.78 5.88
CA GLY E 68 10.52 20.84 5.65
C GLY E 68 11.09 19.45 5.36
N GLY E 69 12.37 19.26 5.63
CA GLY E 69 13.02 17.99 5.38
C GLY E 69 12.67 16.94 6.43
N TYR E 70 13.07 15.70 6.14
CA TYR E 70 12.93 14.59 7.07
C TYR E 70 14.27 13.88 7.16
N GLU E 71 14.76 13.65 8.38
CA GLU E 71 15.99 12.92 8.60
C GLU E 71 15.74 11.81 9.62
N ASN E 72 16.22 10.60 9.30
CA ASN E 72 16.08 9.46 10.18
C ASN E 72 17.38 8.65 10.18
N GLN E 73 17.94 8.42 11.38
CA GLN E 73 19.22 7.74 11.54
C GLN E 73 20.25 8.41 10.66
N LYS E 74 20.66 9.61 11.07
CA LYS E 74 21.50 10.50 10.29
C LYS E 74 22.63 10.98 11.18
N GLN E 75 23.86 10.97 10.64
CA GLN E 75 25.00 11.60 11.29
C GLN E 75 25.50 12.74 10.41
N SER E 76 25.67 13.92 11.00
CA SER E 76 26.35 15.02 10.32
C SER E 76 27.84 14.71 10.27
N SER E 77 28.64 15.67 9.78
CA SER E 77 30.02 15.41 9.41
C SER E 77 30.85 14.91 10.60
N TYR E 78 31.89 14.13 10.29
CA TYR E 78 32.90 13.70 11.25
C TYR E 78 32.29 12.75 12.28
N SER E 79 31.71 11.64 11.78
CA SER E 79 31.19 10.59 12.65
C SER E 79 32.18 9.42 12.67
N GLN E 80 32.35 8.82 13.85
CA GLN E 80 33.29 7.73 14.03
C GLN E 80 32.51 6.45 14.35
N GLN E 81 32.52 5.51 13.39
CA GLN E 81 31.90 4.20 13.52
C GLN E 81 30.47 4.33 14.05
N PRO E 82 29.58 5.10 13.39
CA PRO E 82 28.15 5.05 13.73
C PRO E 82 27.56 3.70 13.37
N TYR E 83 26.59 3.28 14.18
CA TYR E 83 25.86 2.04 13.95
C TYR E 83 24.37 2.39 13.81
N ASN E 84 23.82 2.16 12.63
CA ASN E 84 22.42 2.44 12.33
C ASN E 84 21.73 1.13 11.97
N ASN E 85 20.68 0.78 12.73
CA ASN E 85 19.98 -0.46 12.50
C ASN E 85 18.47 -0.19 12.44
N GLN E 86 17.82 -0.75 11.43
CA GLN E 86 16.37 -0.72 11.34
C GLN E 86 15.91 -2.01 10.68
N GLY E 87 14.60 -2.26 10.71
CA GLY E 87 14.05 -3.37 9.97
C GLY E 87 12.92 -4.08 10.70
N GLN E 88 12.50 -5.18 10.08
CA GLN E 88 11.37 -5.97 10.52
C GLN E 88 11.84 -7.41 10.75
N GLN E 89 11.45 -8.00 11.88
CA GLN E 89 11.79 -9.38 12.16
C GLN E 89 10.55 -10.10 12.65
N GLN E 90 10.20 -11.22 11.98
CA GLN E 90 9.08 -12.05 12.38
C GLN E 90 9.61 -13.42 12.79
N ASN E 91 9.18 -13.89 13.96
CA ASN E 91 9.56 -15.20 14.49
C ASN E 91 8.28 -15.94 14.85
N MET E 92 8.10 -17.13 14.26
CA MET E 92 6.95 -17.94 14.56
C MET E 92 7.40 -19.38 14.82
N GLU E 93 6.86 -19.96 15.90
CA GLU E 93 7.13 -21.34 16.28
C GLU E 93 5.80 -22.02 16.63
N SER E 94 5.66 -23.28 16.21
CA SER E 94 4.61 -24.16 16.70
C SER E 94 3.24 -23.48 16.64
N SER E 95 2.96 -22.81 15.52
CA SER E 95 1.73 -22.06 15.37
C SER E 95 1.08 -22.37 14.02
N GLY E 96 1.17 -23.64 13.61
CA GLY E 96 0.49 -24.14 12.44
C GLY E 96 -0.93 -24.60 12.77
N SER E 97 -1.49 -25.46 11.92
CA SER E 97 -2.82 -25.98 12.12
C SER E 97 -2.75 -27.50 12.35
N GLN E 98 -3.75 -28.01 13.06
CA GLN E 98 -3.81 -29.42 13.42
C GLN E 98 -5.27 -29.86 13.43
N GLY E 99 -5.57 -30.94 12.70
CA GLY E 99 -6.93 -31.44 12.57
C GLY E 99 -7.39 -32.15 13.84
#